data_3PT2
#
_entry.id   3PT2
#
_cell.length_a   146.010
_cell.length_b   146.010
_cell.length_c   58.140
_cell.angle_alpha   90.00
_cell.angle_beta   90.00
_cell.angle_gamma   120.00
#
_symmetry.space_group_name_H-M   'P 62 2 2'
#
loop_
_entity.id
_entity.type
_entity.pdbx_description
1 polymer 'RNA polymerase'
2 polymer 'Ubiquitin B'
3 non-polymer 'SULFATE ION'
4 non-polymer 'ACETATE ION'
5 non-polymer '1.7.6 3-bromanylpropan-1-amine'
6 water water
#
loop_
_entity_poly.entity_id
_entity_poly.type
_entity_poly.pdbx_seq_one_letter_code
_entity_poly.pdbx_strand_id
1 'polypeptide(L)'
;GPG(MSE)DFLRSLDWTQVIAGQYVSNPRFNISDYFEIVRQPGDGNCFYHSIAELT(MSE)PNKTDHSYHYIKRLTESAA
RKYYQEEPEARLVGLSLEDYLKR(MSE)LSDNEWGSTLEAS(MSE)LAKE(MSE)GITIIIWTVAASDEVEAGIKFGDGD
VFTAVNLLHSGQTHFDALRILPQFETDTREALSL(MSE)DRVIAVDQLTSS
;
A
2 'polypeptide(L)' MQIFVKTLTGKTITLEVEPSDTIENVKAKIQDKEGIPPDQQRLIFAGKQLEDGRTLSDYNIQKESTLHLVLRLRG B
#
# COMPACT_ATOMS: atom_id res chain seq x y z
N PRO A 2 -2.13 13.81 24.51
CA PRO A 2 -3.21 14.17 23.59
C PRO A 2 -2.70 14.26 22.17
N GLY A 3 -1.43 14.62 22.02
CA GLY A 3 -0.77 14.56 20.73
C GLY A 3 -0.68 13.11 20.26
N ASP A 5 -2.49 10.76 21.58
CA ASP A 5 -3.87 10.28 21.56
C ASP A 5 -4.37 10.32 20.12
N PHE A 6 -4.06 11.42 19.43
CA PHE A 6 -4.41 11.57 18.02
C PHE A 6 -3.98 10.36 17.20
N LEU A 7 -2.69 10.04 17.25
CA LEU A 7 -2.14 8.93 16.49
C LEU A 7 -2.71 7.60 16.96
N ARG A 8 -2.78 7.45 18.28
CA ARG A 8 -3.30 6.22 18.87
C ARG A 8 -4.78 6.04 18.50
N SER A 9 -5.42 7.10 18.03
CA SER A 9 -6.84 7.05 17.73
C SER A 9 -7.13 7.07 16.23
N LEU A 10 -6.09 6.83 15.42
CA LEU A 10 -6.28 6.72 13.99
C LEU A 10 -7.36 5.67 13.69
N ASP A 11 -8.14 5.90 12.64
CA ASP A 11 -9.22 4.99 12.30
C ASP A 11 -8.80 4.06 11.16
N TRP A 12 -8.50 2.81 11.50
CA TRP A 12 -8.04 1.83 10.51
C TRP A 12 -9.13 0.85 10.07
N THR A 13 -9.47 0.91 8.78
CA THR A 13 -10.41 -0.04 8.22
C THR A 13 -9.69 -1.23 7.60
N GLN A 14 -9.90 -2.42 8.15
CA GLN A 14 -9.32 -3.62 7.57
C GLN A 14 -10.10 -4.06 6.33
N VAL A 15 -9.51 -3.90 5.14
CA VAL A 15 -10.24 -4.15 3.90
C VAL A 15 -9.98 -5.55 3.39
N ILE A 16 -8.90 -6.14 3.87
CA ILE A 16 -8.46 -7.47 3.49
C ILE A 16 -7.63 -7.95 4.68
N ALA A 17 -7.55 -9.25 4.89
CA ALA A 17 -6.87 -9.76 6.08
C ALA A 17 -5.46 -9.18 6.29
N GLY A 18 -5.24 -8.57 7.45
CA GLY A 18 -3.94 -8.03 7.80
C GLY A 18 -3.53 -6.82 6.99
N GLN A 19 -4.51 -6.17 6.37
CA GLN A 19 -4.25 -4.96 5.60
C GLN A 19 -5.30 -3.90 5.91
N TYR A 20 -4.84 -2.74 6.37
CA TYR A 20 -5.75 -1.68 6.79
C TYR A 20 -5.51 -0.39 6.04
N VAL A 21 -6.55 0.42 5.91
CA VAL A 21 -6.41 1.74 5.32
C VAL A 21 -6.88 2.79 6.30
N SER A 22 -6.32 3.98 6.17
CA SER A 22 -6.70 5.09 7.02
C SER A 22 -6.64 6.38 6.20
N ASN A 23 -7.45 7.36 6.58
CA ASN A 23 -7.54 8.60 5.83
C ASN A 23 -7.37 9.86 6.67
N PRO A 24 -6.42 9.85 7.61
CA PRO A 24 -6.33 11.05 8.45
C PRO A 24 -5.89 12.24 7.60
N ARG A 25 -6.08 13.45 8.11
CA ARG A 25 -5.54 14.58 7.39
C ARG A 25 -4.60 15.40 8.27
N PHE A 26 -3.37 15.54 7.80
CA PHE A 26 -2.36 16.27 8.54
C PHE A 26 -1.09 16.38 7.74
N ASN A 27 -0.22 17.28 8.19
CA ASN A 27 1.11 17.41 7.64
C ASN A 27 1.97 16.34 8.25
N ILE A 28 2.62 15.55 7.40
CA ILE A 28 3.48 14.47 7.85
C ILE A 28 4.50 15.03 8.86
N SER A 29 5.08 16.18 8.54
CA SER A 29 6.10 16.79 9.38
C SER A 29 5.64 17.32 10.76
N ASP A 30 4.33 17.34 11.01
CA ASP A 30 3.84 17.83 12.29
C ASP A 30 3.84 16.73 13.34
N TYR A 31 3.98 15.48 12.89
CA TYR A 31 3.93 14.35 13.81
C TYR A 31 5.15 13.44 13.69
N PHE A 32 5.82 13.51 12.56
CA PHE A 32 6.92 12.62 12.24
C PHE A 32 8.16 13.41 11.87
N GLU A 33 9.32 12.87 12.18
CA GLU A 33 10.55 13.34 11.60
C GLU A 33 10.82 12.56 10.32
N ILE A 34 11.09 13.26 9.23
CA ILE A 34 11.44 12.60 7.99
C ILE A 34 12.93 12.33 7.96
N VAL A 35 13.29 11.12 7.56
CA VAL A 35 14.68 10.72 7.42
C VAL A 35 14.90 10.35 5.96
N ARG A 36 15.44 11.31 5.21
CA ARG A 36 15.55 11.19 3.76
C ARG A 36 16.50 10.08 3.37
N GLN A 37 16.16 9.38 2.29
CA GLN A 37 16.96 8.26 1.80
C GLN A 37 17.51 8.57 0.42
N PRO A 38 18.56 7.85 0.04
CA PRO A 38 19.23 8.04 -1.25
C PRO A 38 18.27 8.00 -2.46
N GLY A 39 18.61 8.75 -3.50
CA GLY A 39 17.78 8.83 -4.67
C GLY A 39 18.17 7.84 -5.74
N ASP A 40 18.63 6.66 -5.30
CA ASP A 40 18.87 5.56 -6.23
C ASP A 40 17.59 4.73 -6.35
N GLY A 41 17.67 3.59 -7.02
CA GLY A 41 16.52 2.72 -7.18
C GLY A 41 16.20 1.88 -5.95
N ASN A 42 16.86 2.15 -4.83
CA ASN A 42 16.76 1.28 -3.65
C ASN A 42 16.08 1.90 -2.43
N CYS A 43 15.60 3.12 -2.57
CA CYS A 43 15.06 3.87 -1.43
C CYS A 43 14.07 3.09 -0.55
N PHE A 44 13.28 2.20 -1.13
CA PHE A 44 12.34 1.41 -0.32
C PHE A 44 13.09 0.58 0.72
N TYR A 45 14.17 -0.07 0.28
CA TYR A 45 14.96 -0.91 1.15
C TYR A 45 15.86 -0.10 2.09
N HIS A 46 16.35 1.05 1.63
CA HIS A 46 17.07 1.98 2.51
C HIS A 46 16.17 2.39 3.68
N SER A 47 14.91 2.64 3.35
CA SER A 47 13.99 3.20 4.32
C SER A 47 13.70 2.17 5.41
N ILE A 48 13.47 0.93 4.99
CA ILE A 48 13.26 -0.14 5.95
C ILE A 48 14.50 -0.35 6.79
N ALA A 49 15.66 -0.40 6.13
CA ALA A 49 16.95 -0.53 6.82
C ALA A 49 17.10 0.55 7.88
N GLU A 50 16.83 1.80 7.50
CA GLU A 50 16.98 2.92 8.43
C GLU A 50 16.27 2.66 9.75
N LEU A 51 15.15 1.96 9.69
CA LEU A 51 14.29 1.79 10.85
C LEU A 51 14.38 0.42 11.55
N THR A 52 15.15 -0.50 10.98
CA THR A 52 15.17 -1.88 11.51
C THR A 52 16.55 -2.37 11.91
N PRO A 54 20.46 -1.66 13.44
CA PRO A 54 21.43 -0.86 14.20
C PRO A 54 22.50 -0.33 13.26
N ASN A 55 22.89 0.95 13.43
CA ASN A 55 23.93 1.55 12.62
C ASN A 55 23.76 1.31 11.12
N LYS A 56 22.68 1.86 10.57
CA LYS A 56 22.36 1.67 9.17
C LYS A 56 23.31 2.47 8.27
N THR A 57 23.56 1.97 7.07
CA THR A 57 24.43 2.66 6.10
C THR A 57 23.87 2.44 4.71
N ASP A 58 24.62 2.86 3.70
CA ASP A 58 24.21 2.72 2.31
C ASP A 58 24.16 1.28 1.80
N HIS A 59 24.70 0.36 2.59
CA HIS A 59 24.83 -1.03 2.14
C HIS A 59 23.93 -1.94 2.96
N SER A 60 23.36 -1.39 4.02
CA SER A 60 22.46 -2.14 4.87
C SER A 60 21.26 -2.69 4.12
N TYR A 61 20.81 -1.96 3.09
CA TYR A 61 19.61 -2.34 2.36
C TYR A 61 19.73 -3.74 1.76
N HIS A 62 20.97 -4.14 1.49
CA HIS A 62 21.24 -5.46 0.92
C HIS A 62 20.64 -6.56 1.77
N TYR A 63 20.70 -6.38 3.08
CA TYR A 63 20.18 -7.39 3.99
C TYR A 63 18.66 -7.46 3.97
N ILE A 64 18.00 -6.32 3.75
CA ILE A 64 16.54 -6.29 3.70
C ILE A 64 16.08 -6.89 2.37
N LYS A 65 16.88 -6.73 1.32
CA LYS A 65 16.54 -7.31 0.04
C LYS A 65 16.60 -8.83 0.11
N ARG A 66 17.44 -9.36 0.99
CA ARG A 66 17.54 -10.81 1.17
C ARG A 66 16.42 -11.31 2.05
N LEU A 67 16.04 -10.50 3.04
CA LEU A 67 14.85 -10.78 3.83
C LEU A 67 13.62 -10.83 2.94
N THR A 68 13.65 -10.04 1.87
CA THR A 68 12.50 -9.94 0.98
C THR A 68 12.41 -11.25 0.22
N GLU A 69 13.55 -11.70 -0.28
CA GLU A 69 13.68 -13.01 -0.92
C GLU A 69 13.09 -14.15 -0.08
N SER A 70 13.49 -14.21 1.19
CA SER A 70 12.97 -15.25 2.08
C SER A 70 11.47 -15.12 2.25
N ALA A 71 11.01 -13.89 2.48
CA ALA A 71 9.60 -13.62 2.68
C ALA A 71 8.80 -13.99 1.43
N ALA A 72 9.42 -13.83 0.28
CA ALA A 72 8.74 -14.08 -0.99
C ALA A 72 8.55 -15.58 -1.19
N ARG A 73 9.61 -16.34 -0.95
CA ARG A 73 9.52 -17.79 -1.02
C ARG A 73 8.45 -18.31 -0.07
N LYS A 74 8.16 -17.56 0.99
CA LYS A 74 7.17 -17.98 1.96
C LYS A 74 5.76 -17.45 1.68
N TYR A 75 5.68 -16.30 1.01
CA TYR A 75 4.40 -15.55 0.99
C TYR A 75 3.91 -15.12 -0.38
N TYR A 76 4.84 -14.95 -1.31
CA TYR A 76 4.50 -14.41 -2.62
C TYR A 76 3.29 -15.05 -3.28
N GLN A 77 3.24 -16.38 -3.29
CA GLN A 77 2.19 -17.08 -4.01
C GLN A 77 0.83 -17.01 -3.34
N GLU A 78 0.79 -16.46 -2.12
CA GLU A 78 -0.47 -16.21 -1.43
C GLU A 78 -0.83 -14.73 -1.36
N GLU A 79 0.09 -13.86 -1.78
CA GLU A 79 -0.12 -12.41 -1.71
C GLU A 79 -1.06 -11.90 -2.80
N PRO A 80 -2.24 -11.41 -2.39
CA PRO A 80 -3.19 -10.88 -3.36
C PRO A 80 -2.54 -9.85 -4.30
N GLU A 81 -1.69 -8.98 -3.77
CA GLU A 81 -1.09 -7.95 -4.62
C GLU A 81 -0.09 -8.50 -5.64
N ALA A 82 0.43 -9.69 -5.39
CA ALA A 82 1.34 -10.31 -6.35
C ALA A 82 0.64 -10.55 -7.69
N ARG A 83 -0.69 -10.61 -7.68
CA ARG A 83 -1.46 -10.79 -8.89
C ARG A 83 -1.34 -9.61 -9.86
N LEU A 84 -0.88 -8.47 -9.37
CA LEU A 84 -0.68 -7.29 -10.23
C LEU A 84 0.67 -7.36 -10.90
N VAL A 85 1.60 -8.05 -10.25
CA VAL A 85 2.95 -8.20 -10.75
C VAL A 85 2.98 -9.12 -11.98
N GLY A 86 2.19 -10.19 -11.93
CA GLY A 86 2.09 -11.11 -13.05
C GLY A 86 3.40 -11.79 -13.41
N LEU A 87 4.08 -12.33 -12.39
CA LEU A 87 5.32 -13.05 -12.60
C LEU A 87 5.29 -14.34 -11.82
N SER A 88 5.90 -15.38 -12.35
CA SER A 88 6.09 -16.59 -11.56
C SER A 88 6.95 -16.19 -10.37
N LEU A 89 6.83 -16.92 -9.26
CA LEU A 89 7.68 -16.69 -8.10
C LEU A 89 9.15 -16.60 -8.48
N GLU A 90 9.58 -17.44 -9.42
CA GLU A 90 10.99 -17.49 -9.78
C GLU A 90 11.43 -16.29 -10.59
N ASP A 91 10.57 -15.84 -11.50
CA ASP A 91 10.87 -14.67 -12.30
C ASP A 91 10.90 -13.44 -11.41
N TYR A 92 9.95 -13.35 -10.50
CA TYR A 92 9.85 -12.23 -9.59
C TYR A 92 11.13 -12.10 -8.75
N LEU A 93 11.57 -13.20 -8.18
CA LEU A 93 12.80 -13.22 -7.38
C LEU A 93 13.99 -12.65 -8.15
N LYS A 94 14.19 -13.11 -9.38
CA LYS A 94 15.28 -12.59 -10.20
C LYS A 94 15.15 -11.08 -10.40
N ARG A 95 13.95 -10.62 -10.71
CA ARG A 95 13.69 -9.21 -10.92
C ARG A 95 13.89 -8.39 -9.63
N LEU A 97 15.57 -9.02 -6.99
CA LEU A 97 16.95 -9.08 -6.51
C LEU A 97 17.93 -8.26 -7.33
N SER A 98 17.56 -7.98 -8.57
CA SER A 98 18.39 -7.14 -9.42
C SER A 98 18.62 -5.77 -8.78
N ASP A 99 19.76 -5.16 -9.06
CA ASP A 99 20.13 -3.90 -8.41
C ASP A 99 19.25 -2.74 -8.88
N ASN A 100 18.91 -1.86 -7.94
CA ASN A 100 18.14 -0.66 -8.26
C ASN A 100 16.71 -0.94 -8.70
N GLU A 101 16.19 -2.10 -8.34
CA GLU A 101 14.79 -2.40 -8.63
C GLU A 101 13.93 -1.81 -7.52
N TRP A 102 12.89 -1.07 -7.92
CA TRP A 102 11.97 -0.47 -6.95
C TRP A 102 11.27 -1.48 -6.04
N GLY A 103 10.96 -1.04 -4.83
CA GLY A 103 10.13 -1.81 -3.92
C GLY A 103 8.71 -1.28 -3.94
N SER A 104 7.86 -1.82 -3.07
CA SER A 104 6.44 -1.49 -3.12
C SER A 104 5.63 -2.08 -1.99
N THR A 105 4.33 -1.79 -2.03
CA THR A 105 3.35 -2.32 -1.10
C THR A 105 3.38 -3.85 -1.05
N LEU A 106 3.78 -4.48 -2.15
CA LEU A 106 3.95 -5.94 -2.15
C LEU A 106 5.04 -6.39 -1.18
N GLU A 107 6.24 -5.82 -1.33
CA GLU A 107 7.34 -6.17 -0.45
C GLU A 107 7.04 -5.79 0.98
N ALA A 108 6.27 -4.72 1.16
CA ALA A 108 5.92 -4.31 2.51
C ALA A 108 5.09 -5.40 3.19
N SER A 109 4.14 -5.96 2.46
CA SER A 109 3.18 -6.92 3.00
C SER A 109 3.88 -8.20 3.47
N LEU A 111 7.33 -8.51 4.01
CA LEU A 111 8.29 -8.17 5.07
C LEU A 111 7.60 -8.06 6.42
N ALA A 112 6.40 -7.48 6.45
CA ALA A 112 5.67 -7.41 7.69
C ALA A 112 5.48 -8.81 8.29
N LYS A 113 5.12 -9.77 7.44
CA LYS A 113 4.91 -11.15 7.86
C LYS A 113 6.24 -11.81 8.25
N GLU A 114 7.22 -11.67 7.37
CA GLU A 114 8.51 -12.28 7.53
C GLU A 114 9.22 -11.79 8.78
N GLY A 116 7.72 -10.23 11.39
CA GLY A 116 6.84 -10.16 12.55
C GLY A 116 6.56 -8.75 13.04
N ILE A 117 6.54 -7.79 12.12
CA ILE A 117 6.32 -6.40 12.48
C ILE A 117 5.19 -5.76 11.67
N THR A 118 4.73 -4.60 12.13
CA THR A 118 3.74 -3.84 11.39
C THR A 118 4.43 -2.78 10.56
N ILE A 119 4.08 -2.71 9.28
CA ILE A 119 4.61 -1.68 8.40
C ILE A 119 3.52 -0.77 7.85
N ILE A 120 3.76 0.53 7.95
CA ILE A 120 2.80 1.52 7.47
C ILE A 120 3.40 2.40 6.39
N ILE A 121 2.68 2.51 5.28
CA ILE A 121 3.09 3.39 4.19
C ILE A 121 2.15 4.60 4.13
N TRP A 122 2.73 5.77 4.38
CA TRP A 122 2.00 7.02 4.36
C TRP A 122 2.22 7.66 3.02
N THR A 123 1.15 7.83 2.27
CA THR A 123 1.29 8.42 0.94
C THR A 123 0.87 9.89 1.00
N VAL A 124 1.66 10.76 0.41
CA VAL A 124 1.39 12.19 0.54
C VAL A 124 1.35 12.91 -0.79
N ALA A 125 0.62 14.02 -0.81
CA ALA A 125 0.65 14.98 -1.92
C ALA A 125 2.00 15.68 -1.97
N ALA A 126 2.24 16.41 -3.05
CA ALA A 126 3.49 17.13 -3.22
C ALA A 126 3.71 18.13 -2.08
N SER A 127 2.62 18.49 -1.40
CA SER A 127 2.66 19.38 -0.24
C SER A 127 3.04 18.68 1.07
N ASP A 128 3.22 17.35 1.02
CA ASP A 128 3.53 16.52 2.19
C ASP A 128 2.33 16.39 3.14
N GLU A 129 1.14 16.62 2.62
CA GLU A 129 -0.07 16.33 3.36
C GLU A 129 -0.44 14.88 3.13
N VAL A 130 -0.90 14.22 4.18
CA VAL A 130 -1.25 12.81 4.10
C VAL A 130 -2.57 12.56 3.37
N GLU A 131 -2.49 11.81 2.27
CA GLU A 131 -3.67 11.35 1.55
C GLU A 131 -4.21 10.06 2.18
N ALA A 132 -3.30 9.16 2.53
CA ALA A 132 -3.68 7.88 3.12
C ALA A 132 -2.52 7.15 3.79
N GLY A 133 -2.86 6.25 4.70
CA GLY A 133 -1.92 5.28 5.20
C GLY A 133 -2.39 3.86 4.89
N ILE A 134 -1.47 3.00 4.45
CA ILE A 134 -1.78 1.58 4.28
C ILE A 134 -0.95 0.77 5.27
N LYS A 135 -1.62 -0.06 6.06
CA LYS A 135 -0.96 -0.76 7.16
C LYS A 135 -0.94 -2.27 6.96
N PHE A 136 0.25 -2.86 7.08
CA PHE A 136 0.41 -4.30 6.97
C PHE A 136 0.85 -4.85 8.31
N GLY A 137 -0.06 -5.57 8.97
CA GLY A 137 0.17 -6.03 10.33
C GLY A 137 -0.85 -5.44 11.28
N ASP A 138 -1.01 -6.06 12.43
CA ASP A 138 -2.06 -5.68 13.38
C ASP A 138 -1.59 -4.62 14.37
N GLY A 139 -0.31 -4.26 14.32
CA GLY A 139 0.25 -3.29 15.24
C GLY A 139 -0.31 -1.90 15.04
N ASP A 140 -0.03 -1.01 16.00
CA ASP A 140 -0.43 0.39 15.89
C ASP A 140 0.76 1.24 15.46
N VAL A 141 0.50 2.53 15.21
CA VAL A 141 1.49 3.43 14.61
C VAL A 141 2.79 3.58 15.43
N PHE A 142 2.68 3.45 16.75
CA PHE A 142 3.86 3.60 17.61
C PHE A 142 4.83 2.45 17.47
N THR A 143 4.28 1.24 17.31
CA THR A 143 5.08 0.04 17.18
C THR A 143 5.46 -0.23 15.71
N ALA A 144 4.86 0.49 14.78
CA ALA A 144 5.07 0.23 13.36
C ALA A 144 6.39 0.78 12.81
N VAL A 145 6.83 0.19 11.71
CA VAL A 145 7.82 0.81 10.83
C VAL A 145 7.06 1.72 9.85
N ASN A 146 7.27 3.03 9.96
CA ASN A 146 6.55 3.99 9.12
C ASN A 146 7.33 4.49 7.92
N LEU A 147 6.76 4.35 6.74
CA LEU A 147 7.43 4.84 5.55
C LEU A 147 6.64 6.01 4.94
N LEU A 148 7.36 6.88 4.24
CA LEU A 148 6.73 7.97 3.53
C LEU A 148 6.85 7.72 2.03
N HIS A 149 5.70 7.59 1.36
CA HIS A 149 5.66 7.47 -0.08
C HIS A 149 5.30 8.83 -0.70
N SER A 150 6.19 9.37 -1.52
CA SER A 150 6.03 10.72 -2.07
C SER A 150 6.36 10.77 -3.55
N GLY A 151 5.71 11.67 -4.27
CA GLY A 151 5.96 11.82 -5.70
C GLY A 151 5.53 10.62 -6.51
N GLN A 152 4.79 9.71 -5.88
CA GLN A 152 4.36 8.47 -6.52
C GLN A 152 5.54 7.57 -6.90
N THR A 153 6.73 7.89 -6.42
CA THR A 153 7.90 7.16 -6.87
C THR A 153 9.03 7.04 -5.85
N HIS A 154 8.78 7.40 -4.61
CA HIS A 154 9.90 7.53 -3.66
C HIS A 154 9.50 7.18 -2.24
N PHE A 155 10.43 6.56 -1.53
CA PHE A 155 10.23 6.24 -0.11
C PHE A 155 11.29 6.90 0.76
N ASP A 156 10.86 7.45 1.88
CA ASP A 156 11.78 7.86 2.94
C ASP A 156 11.32 7.20 4.21
N ALA A 157 12.14 7.26 5.24
CA ALA A 157 11.78 6.71 6.53
C ALA A 157 11.16 7.80 7.41
N LEU A 158 10.31 7.38 8.34
CA LEU A 158 9.70 8.29 9.27
C LEU A 158 9.90 7.81 10.68
N ARG A 159 10.17 8.74 11.58
CA ARG A 159 10.13 8.44 13.00
C ARG A 159 9.13 9.37 13.67
N ILE A 160 8.33 8.82 14.57
CA ILE A 160 7.42 9.65 15.32
C ILE A 160 8.21 10.68 16.13
N LEU A 161 7.70 11.90 16.20
CA LEU A 161 8.37 12.93 16.97
C LEU A 161 8.29 12.56 18.45
N PRO A 162 9.37 12.84 19.19
CA PRO A 162 9.52 12.47 20.61
C PRO A 162 8.31 12.83 21.45
N GLN A 163 7.84 14.08 21.34
CA GLN A 163 6.73 14.56 22.15
C GLN A 163 5.44 13.77 21.98
N PHE A 164 5.38 12.92 20.96
CA PHE A 164 4.19 12.11 20.71
C PHE A 164 4.50 10.64 20.96
N GLU A 165 5.73 10.37 21.40
CA GLU A 165 6.21 9.02 21.62
C GLU A 165 5.91 8.55 23.05
N MET B 1 -27.01 0.09 -13.70
CA MET B 1 -27.12 0.30 -12.26
C MET B 1 -25.99 1.17 -11.73
N GLN B 2 -25.97 1.39 -10.43
CA GLN B 2 -24.91 2.17 -9.82
C GLN B 2 -24.26 1.41 -8.68
N ILE B 3 -22.95 1.54 -8.59
CA ILE B 3 -22.23 1.06 -7.42
C ILE B 3 -21.37 2.18 -6.89
N PHE B 4 -20.88 1.99 -5.69
CA PHE B 4 -20.02 2.97 -5.05
C PHE B 4 -18.62 2.41 -4.94
N VAL B 5 -17.64 3.27 -5.17
CA VAL B 5 -16.25 2.93 -4.90
C VAL B 5 -15.64 3.91 -3.91
N LYS B 6 -15.18 3.41 -2.78
CA LYS B 6 -14.45 4.24 -1.83
C LYS B 6 -12.96 4.18 -2.18
N THR B 7 -12.41 5.32 -2.61
CA THR B 7 -11.02 5.35 -3.02
C THR B 7 -10.07 5.30 -1.81
N LEU B 8 -8.77 5.22 -2.09
CA LEU B 8 -7.77 5.10 -1.04
C LEU B 8 -7.74 6.34 -0.15
N THR B 9 -8.06 7.50 -0.74
CA THR B 9 -8.07 8.75 0.00
C THR B 9 -9.38 8.99 0.74
N GLY B 10 -10.27 7.99 0.73
CA GLY B 10 -11.51 8.04 1.48
C GLY B 10 -12.69 8.62 0.74
N LYS B 11 -12.46 9.07 -0.49
CA LYS B 11 -13.51 9.62 -1.33
C LYS B 11 -14.44 8.54 -1.87
N THR B 12 -15.74 8.70 -1.67
CA THR B 12 -16.71 7.77 -2.22
C THR B 12 -17.28 8.30 -3.54
N ILE B 13 -17.10 7.53 -4.62
CA ILE B 13 -17.62 7.92 -5.92
C ILE B 13 -18.72 6.97 -6.38
N THR B 14 -19.45 7.37 -7.41
CA THR B 14 -20.47 6.49 -7.96
C THR B 14 -20.05 6.06 -9.34
N LEU B 15 -20.45 4.86 -9.73
CA LEU B 15 -20.16 4.38 -11.08
C LEU B 15 -21.41 3.83 -11.75
N GLU B 16 -21.50 4.05 -13.06
CA GLU B 16 -22.55 3.47 -13.88
C GLU B 16 -22.10 2.14 -14.49
N VAL B 17 -22.63 1.04 -13.96
CA VAL B 17 -22.20 -0.28 -14.39
C VAL B 17 -23.33 -1.28 -14.67
N GLU B 18 -23.02 -2.33 -15.42
CA GLU B 18 -23.93 -3.47 -15.59
C GLU B 18 -23.31 -4.68 -14.89
N PRO B 19 -24.14 -5.61 -14.41
CA PRO B 19 -23.66 -6.79 -13.68
C PRO B 19 -22.72 -7.69 -14.51
N SER B 20 -22.71 -7.47 -15.82
CA SER B 20 -21.91 -8.29 -16.73
C SER B 20 -20.62 -7.58 -17.09
N ASP B 21 -20.40 -6.40 -16.51
CA ASP B 21 -19.13 -5.70 -16.67
C ASP B 21 -18.06 -6.48 -15.92
N THR B 22 -16.86 -6.56 -16.50
CA THR B 22 -15.75 -7.22 -15.82
C THR B 22 -15.05 -6.25 -14.87
N ILE B 23 -14.42 -6.79 -13.84
CA ILE B 23 -13.63 -5.99 -12.93
C ILE B 23 -12.68 -5.08 -13.69
N GLU B 24 -12.12 -5.57 -14.79
CA GLU B 24 -11.23 -4.76 -15.60
C GLU B 24 -11.98 -3.55 -16.16
N ASN B 25 -13.16 -3.81 -16.72
CA ASN B 25 -14.05 -2.74 -17.16
C ASN B 25 -14.26 -1.70 -16.06
N VAL B 26 -14.53 -2.16 -14.84
CA VAL B 26 -14.78 -1.26 -13.74
C VAL B 26 -13.57 -0.36 -13.49
N LYS B 27 -12.37 -0.96 -13.49
CA LYS B 27 -11.15 -0.19 -13.29
C LYS B 27 -10.98 0.89 -14.35
N ALA B 28 -11.41 0.59 -15.57
CA ALA B 28 -11.33 1.53 -16.66
C ALA B 28 -12.31 2.69 -16.49
N LYS B 29 -13.48 2.39 -15.92
CA LYS B 29 -14.46 3.41 -15.57
C LYS B 29 -13.86 4.35 -14.53
N ILE B 30 -13.20 3.77 -13.54
CA ILE B 30 -12.59 4.54 -12.47
C ILE B 30 -11.45 5.41 -13.02
N GLN B 31 -10.73 4.91 -14.01
CA GLN B 31 -9.70 5.73 -14.63
C GLN B 31 -10.32 6.93 -15.34
N ASP B 32 -11.49 6.71 -15.95
CA ASP B 32 -12.18 7.76 -16.71
C ASP B 32 -12.83 8.82 -15.83
N LYS B 33 -13.30 8.41 -14.66
CA LYS B 33 -13.93 9.35 -13.75
C LYS B 33 -12.93 10.06 -12.83
N GLU B 34 -11.99 9.30 -12.28
CA GLU B 34 -11.10 9.82 -11.24
C GLU B 34 -9.61 9.90 -11.63
N GLY B 35 -9.27 9.48 -12.83
CA GLY B 35 -7.89 9.54 -13.32
C GLY B 35 -6.92 8.51 -12.73
N ILE B 36 -7.38 7.61 -11.87
CA ILE B 36 -6.48 6.60 -11.32
C ILE B 36 -6.22 5.47 -12.31
N PRO B 37 -4.94 5.20 -12.63
CA PRO B 37 -4.55 4.19 -13.62
C PRO B 37 -4.93 2.79 -13.17
N PRO B 38 -5.45 1.97 -14.09
CA PRO B 38 -5.84 0.60 -13.71
C PRO B 38 -4.69 -0.21 -13.12
N ASP B 39 -3.47 0.00 -13.60
CA ASP B 39 -2.30 -0.77 -13.10
C ASP B 39 -2.08 -0.60 -11.60
N GLN B 40 -2.57 0.49 -11.02
CA GLN B 40 -2.41 0.73 -9.59
C GLN B 40 -3.60 0.22 -8.78
N GLN B 41 -4.68 -0.14 -9.45
CA GLN B 41 -5.92 -0.40 -8.72
C GLN B 41 -6.03 -1.81 -8.17
N ARG B 42 -6.40 -1.89 -6.90
CA ARG B 42 -6.77 -3.15 -6.28
C ARG B 42 -8.21 -2.99 -5.76
N LEU B 43 -9.17 -3.46 -6.54
CA LEU B 43 -10.57 -3.41 -6.12
C LEU B 43 -10.88 -4.54 -5.15
N ILE B 44 -11.60 -4.21 -4.09
CA ILE B 44 -11.84 -5.14 -3.00
C ILE B 44 -13.29 -5.12 -2.55
N PHE B 45 -13.83 -6.30 -2.27
CA PHE B 45 -15.22 -6.43 -1.85
C PHE B 45 -15.34 -7.63 -0.94
N ALA B 46 -15.95 -7.42 0.22
CA ALA B 46 -16.14 -8.48 1.19
C ALA B 46 -14.85 -9.28 1.37
N GLY B 47 -13.76 -8.58 1.70
CA GLY B 47 -12.50 -9.21 2.07
C GLY B 47 -11.73 -9.92 0.97
N LYS B 48 -12.14 -9.71 -0.27
CA LYS B 48 -11.47 -10.34 -1.41
C LYS B 48 -10.99 -9.31 -2.43
N GLN B 49 -9.75 -9.47 -2.90
CA GLN B 49 -9.28 -8.66 -4.00
C GLN B 49 -9.88 -9.21 -5.30
N LEU B 50 -10.67 -8.38 -5.98
CA LEU B 50 -11.40 -8.85 -7.15
C LEU B 50 -10.46 -9.15 -8.31
N GLU B 51 -10.82 -10.15 -9.10
CA GLU B 51 -10.01 -10.62 -10.22
C GLU B 51 -10.53 -10.03 -11.51
N ASP B 52 -9.62 -9.52 -12.35
CA ASP B 52 -9.97 -8.72 -13.53
C ASP B 52 -10.94 -9.37 -14.50
N GLY B 53 -10.78 -10.67 -14.73
CA GLY B 53 -11.55 -11.35 -15.75
C GLY B 53 -12.97 -11.65 -15.35
N ARG B 54 -13.25 -11.63 -14.04
CA ARG B 54 -14.59 -11.90 -13.53
C ARG B 54 -15.52 -10.70 -13.64
N THR B 55 -16.82 -10.95 -13.52
CA THR B 55 -17.81 -9.88 -13.61
C THR B 55 -18.31 -9.50 -12.23
N LEU B 56 -19.04 -8.39 -12.16
CA LEU B 56 -19.67 -7.96 -10.92
C LEU B 56 -20.65 -9.02 -10.42
N SER B 57 -21.38 -9.63 -11.35
CA SER B 57 -22.32 -10.69 -10.99
C SER B 57 -21.62 -11.90 -10.39
N ASP B 58 -20.48 -12.28 -10.98
CA ASP B 58 -19.70 -13.38 -10.45
C ASP B 58 -19.40 -13.22 -8.97
N TYR B 59 -19.37 -11.97 -8.50
CA TYR B 59 -19.07 -11.69 -7.09
C TYR B 59 -20.33 -11.30 -6.32
N ASN B 60 -21.47 -11.37 -7.00
CA ASN B 60 -22.73 -10.95 -6.41
C ASN B 60 -22.69 -9.53 -5.88
N ILE B 61 -22.06 -8.66 -6.67
CA ILE B 61 -22.05 -7.24 -6.37
C ILE B 61 -23.36 -6.66 -6.90
N GLN B 62 -24.21 -6.21 -5.99
CA GLN B 62 -25.55 -5.79 -6.35
C GLN B 62 -25.63 -4.27 -6.47
N LYS B 63 -26.78 -3.78 -6.91
CA LYS B 63 -27.02 -2.36 -6.98
C LYS B 63 -26.60 -1.65 -5.68
N GLU B 64 -25.97 -0.48 -5.83
CA GLU B 64 -25.54 0.33 -4.69
C GLU B 64 -24.59 -0.38 -3.72
N SER B 65 -23.94 -1.44 -4.19
CA SER B 65 -22.84 -2.05 -3.46
C SER B 65 -21.64 -1.10 -3.40
N THR B 66 -20.82 -1.24 -2.36
CA THR B 66 -19.67 -0.37 -2.17
C THR B 66 -18.39 -1.17 -2.22
N LEU B 67 -17.56 -0.88 -3.23
CA LEU B 67 -16.26 -1.51 -3.37
C LEU B 67 -15.20 -0.63 -2.70
N HIS B 68 -14.11 -1.26 -2.26
CA HIS B 68 -12.99 -0.51 -1.72
C HIS B 68 -11.80 -0.50 -2.68
N LEU B 69 -11.19 0.66 -2.84
CA LEU B 69 -10.06 0.80 -3.73
C LEU B 69 -8.78 1.00 -2.93
N VAL B 70 -7.86 0.04 -3.03
CA VAL B 70 -6.55 0.21 -2.44
C VAL B 70 -5.57 0.28 -3.59
N LEU B 71 -4.47 0.99 -3.39
CA LEU B 71 -3.56 1.21 -4.50
C LEU B 71 -2.27 0.47 -4.31
N ARG B 72 -1.68 0.06 -5.43
CA ARG B 72 -0.33 -0.48 -5.43
C ARG B 72 0.66 0.67 -5.53
N LEU B 73 1.52 0.79 -4.52
CA LEU B 73 2.44 1.92 -4.43
C LEU B 73 3.88 1.45 -4.66
N ARG B 74 4.47 1.86 -5.76
CA ARG B 74 5.87 1.55 -6.02
C ARG B 74 6.75 2.78 -5.77
N GLY B 75 8.04 2.53 -5.62
CA GLY B 75 8.97 3.62 -5.51
C GLY B 75 10.37 3.16 -5.22
#